data_6J3N
#
_entry.id   6J3N
#
_cell.length_a   61.930
_cell.length_b   61.930
_cell.length_c   155.870
_cell.angle_alpha   90.000
_cell.angle_beta   90.000
_cell.angle_gamma   90.000
#
_symmetry.space_group_name_H-M   'P 41 21 2'
#
loop_
_entity.id
_entity.type
_entity.pdbx_description
1 polymer 'Nuclear receptor ROR-gamma'
2 polymer LYS-ILE-LEU-HIS-ARG-LEU-LEU-GLN
3 non-polymer '(5beta)-3-oxours-12-en-28-oic acid'
4 water water
#
loop_
_entity_poly.entity_id
_entity_poly.type
_entity_poly.pdbx_seq_one_letter_code
_entity_poly.pdbx_strand_id
1 'polypeptide(L)'
;PASLTEIEHLVQSVCKSYRETCQLRLEDLLRQRSNIFSREEVTGYQRKSMWEMWERCAHHLTEAIQYVVEFAKRLSGFME
LCQNDQIVLLKAGAMEVVLVRMCRAYNADNRTVFFEGKYGGMELFRALGCSELISSIFDFSHSLSALHFSEDEIALYTAL
VLINAHRPGLQEKRKVEQLQYNLELAFHHHLCKTHRQSILAKLPPKGKLRSLCSQHVERLQIFQHLHPIVVQAAFPPLYK
ELFSTE
;
A
2 'polypeptide(L)' KILHRLLQ B
#
# COMPACT_ATOMS: atom_id res chain seq x y z
N PRO A 1 -8.94 -14.23 24.26
CA PRO A 1 -9.35 -15.28 23.32
C PRO A 1 -10.30 -14.77 22.26
N ALA A 2 -11.04 -15.68 21.63
CA ALA A 2 -12.06 -15.34 20.64
C ALA A 2 -12.86 -16.57 20.24
N SER A 3 -14.18 -16.47 20.31
CA SER A 3 -15.05 -17.55 19.87
C SER A 3 -15.30 -17.42 18.36
N LEU A 4 -16.06 -18.37 17.81
CA LEU A 4 -16.32 -18.34 16.37
C LEU A 4 -17.16 -17.13 15.98
N THR A 5 -18.13 -16.76 16.82
CA THR A 5 -18.96 -15.60 16.53
C THR A 5 -18.13 -14.31 16.52
N GLU A 6 -17.16 -14.21 17.44
CA GLU A 6 -16.34 -13.01 17.50
C GLU A 6 -15.38 -12.92 16.32
N ILE A 7 -14.87 -14.08 15.86
CA ILE A 7 -13.97 -14.08 14.72
C ILE A 7 -14.69 -13.60 13.46
N GLU A 8 -15.90 -14.12 13.22
CA GLU A 8 -16.66 -13.71 12.05
C GLU A 8 -17.06 -12.25 12.12
N HIS A 9 -17.35 -11.74 13.31
CA HIS A 9 -17.62 -10.32 13.45
C HIS A 9 -16.39 -9.49 13.12
N LEU A 10 -15.20 -9.99 13.48
CA LEU A 10 -13.96 -9.31 13.12
C LEU A 10 -13.78 -9.28 11.60
N VAL A 11 -14.11 -10.39 10.94
CA VAL A 11 -13.99 -10.44 9.48
C VAL A 11 -14.81 -9.33 8.84
N GLN A 12 -16.09 -9.22 9.22
CA GLN A 12 -16.95 -8.22 8.61
C GLN A 12 -16.54 -6.80 8.99
N SER A 13 -16.03 -6.60 10.20
CA SER A 13 -15.56 -5.28 10.59
C SER A 13 -14.37 -4.84 9.74
N VAL A 14 -13.42 -5.76 9.50
CA VAL A 14 -12.25 -5.43 8.69
C VAL A 14 -12.66 -5.14 7.25
N CYS A 15 -13.55 -5.97 6.68
CA CYS A 15 -13.97 -5.76 5.30
C CYS A 15 -14.71 -4.44 5.13
N LYS A 16 -15.52 -4.06 6.12
CA LYS A 16 -16.24 -2.80 6.03
C LYS A 16 -15.30 -1.61 6.13
N SER A 17 -14.35 -1.66 7.09
CA SER A 17 -13.37 -0.59 7.21
C SER A 17 -12.59 -0.42 5.91
N TYR A 18 -12.28 -1.53 5.24
CA TYR A 18 -11.55 -1.45 3.98
C TYR A 18 -12.42 -0.84 2.89
N ARG A 19 -13.69 -1.26 2.79
CA ARG A 19 -14.59 -0.69 1.80
C ARG A 19 -14.74 0.82 2.00
N GLU A 20 -14.81 1.27 3.26
CA GLU A 20 -14.97 2.69 3.54
C GLU A 20 -13.72 3.51 3.24
N THR A 21 -12.56 2.85 3.15
CA THR A 21 -11.30 3.56 2.98
C THR A 21 -10.55 3.16 1.71
N CYS A 22 -11.18 2.44 0.80
CA CYS A 22 -10.58 2.19 -0.49
C CYS A 22 -10.66 3.46 -1.34
N GLN A 23 -9.53 3.85 -1.90
CA GLN A 23 -9.46 5.12 -2.63
C GLN A 23 -10.46 5.16 -3.78
N LEU A 24 -10.47 4.14 -4.62
CA LEU A 24 -11.41 4.01 -5.70
C LEU A 24 -12.05 2.64 -5.63
N ARG A 25 -13.33 2.57 -6.02
CA ARG A 25 -14.02 1.29 -6.09
C ARG A 25 -13.42 0.43 -7.21
N LEU A 26 -13.40 -0.88 -6.97
CA LEU A 26 -12.83 -1.80 -7.94
C LEU A 26 -13.56 -1.70 -9.28
N GLU A 27 -14.89 -1.55 -9.24
CA GLU A 27 -15.66 -1.44 -10.47
C GLU A 27 -15.23 -0.22 -11.29
N ASP A 28 -14.87 0.88 -10.61
CA ASP A 28 -14.40 2.06 -11.32
C ASP A 28 -13.09 1.77 -12.06
N LEU A 29 -12.18 1.04 -11.41
CA LEU A 29 -10.90 0.73 -12.04
C LEU A 29 -11.07 -0.24 -13.20
N LEU A 30 -12.01 -1.18 -13.08
CA LEU A 30 -12.21 -2.18 -14.14
C LEU A 30 -12.84 -1.55 -15.38
N ARG A 31 -13.84 -0.69 -15.19
CA ARG A 31 -14.53 -0.09 -16.33
C ARG A 31 -13.66 0.90 -17.10
N GLN A 32 -12.43 1.15 -16.67
CA GLN A 32 -11.52 2.05 -17.36
C GLN A 32 -10.39 1.34 -18.07
N ARG A 33 -10.41 -0.01 -18.12
CA ARG A 33 -9.27 -0.75 -18.63
C ARG A 33 -9.04 -0.50 -20.13
N SER A 34 -10.10 -0.15 -20.86
CA SER A 34 -9.94 0.20 -22.27
C SER A 34 -9.36 1.59 -22.48
N ASN A 35 -9.34 2.43 -21.44
CA ASN A 35 -8.82 3.78 -21.53
C ASN A 35 -7.31 3.73 -21.27
N ILE A 36 -6.54 3.67 -22.34
CA ILE A 36 -5.10 3.47 -22.28
C ILE A 36 -4.40 4.68 -22.92
N PHE A 37 -3.29 5.09 -22.32
CA PHE A 37 -2.51 6.19 -22.87
C PHE A 37 -2.04 5.87 -24.28
N SER A 38 -2.16 6.84 -25.18
CA SER A 38 -1.65 6.69 -26.52
C SER A 38 -0.13 6.79 -26.53
N ARG A 39 0.47 6.36 -27.65
CA ARG A 39 1.92 6.42 -27.77
C ARG A 39 2.43 7.86 -27.62
N GLU A 40 1.67 8.83 -28.13
CA GLU A 40 2.05 10.22 -27.96
C GLU A 40 1.95 10.67 -26.51
N GLU A 41 0.92 10.21 -25.81
CA GLU A 41 0.78 10.55 -24.40
C GLU A 41 1.88 9.91 -23.56
N VAL A 42 2.25 8.66 -23.86
CA VAL A 42 3.36 8.02 -23.18
C VAL A 42 4.64 8.81 -23.41
N THR A 43 4.88 9.22 -24.65
CA THR A 43 6.05 10.05 -24.95
C THR A 43 6.02 11.34 -24.15
N GLY A 44 4.84 11.95 -24.02
CA GLY A 44 4.73 13.17 -23.22
C GLY A 44 5.18 12.97 -21.79
N TYR A 45 4.83 11.83 -21.19
CA TYR A 45 5.27 11.55 -19.83
C TYR A 45 6.77 11.31 -19.78
N GLN A 46 7.32 10.64 -20.78
CA GLN A 46 8.74 10.33 -20.77
C GLN A 46 9.61 11.57 -20.94
N ARG A 47 9.08 12.63 -21.53
CA ARG A 47 9.85 13.86 -21.74
C ARG A 47 9.75 14.84 -20.59
N LYS A 48 8.85 14.63 -19.64
CA LYS A 48 8.78 15.49 -18.46
C LYS A 48 10.07 15.35 -17.66
N SER A 49 10.40 16.42 -16.93
CA SER A 49 11.65 16.42 -16.17
C SER A 49 11.59 15.38 -15.06
N MET A 50 12.78 14.93 -14.63
CA MET A 50 12.85 13.92 -13.59
C MET A 50 12.20 14.40 -12.30
N TRP A 51 12.46 15.67 -11.92
CA TRP A 51 11.95 16.15 -10.65
C TRP A 51 10.44 16.40 -10.69
N GLU A 52 9.90 16.78 -11.85
CA GLU A 52 8.45 16.94 -11.95
C GLU A 52 7.74 15.59 -11.87
N MET A 53 8.32 14.57 -12.50
CA MET A 53 7.73 13.24 -12.41
C MET A 53 7.83 12.68 -11.01
N TRP A 54 8.92 13.00 -10.29
CA TRP A 54 9.08 12.51 -8.93
C TRP A 54 8.05 13.12 -7.99
N GLU A 55 7.76 14.42 -8.15
CA GLU A 55 6.80 15.05 -7.25
C GLU A 55 5.37 14.64 -7.58
N ARG A 56 5.08 14.34 -8.85
CA ARG A 56 3.76 13.82 -9.19
C ARG A 56 3.53 12.45 -8.58
N CYS A 57 4.54 11.57 -8.63
CA CYS A 57 4.40 10.25 -8.01
C CYS A 57 4.38 10.36 -6.49
N ALA A 58 5.16 11.28 -5.92
CA ALA A 58 5.11 11.51 -4.49
C ALA A 58 3.72 11.98 -4.07
N HIS A 59 3.09 12.83 -4.88
CA HIS A 59 1.75 13.31 -4.56
C HIS A 59 0.73 12.19 -4.59
N HIS A 60 0.78 11.33 -5.62
CA HIS A 60 -0.17 10.24 -5.72
C HIS A 60 0.05 9.21 -4.61
N LEU A 61 1.31 8.94 -4.26
CA LEU A 61 1.59 8.05 -3.15
C LEU A 61 1.06 8.62 -1.84
N THR A 62 1.24 9.94 -1.64
CA THR A 62 0.80 10.57 -0.41
C THR A 62 -0.72 10.51 -0.25
N GLU A 63 -1.46 10.75 -1.34
CA GLU A 63 -2.91 10.60 -1.30
C GLU A 63 -3.32 9.19 -0.95
N ALA A 64 -2.62 8.20 -1.50
CA ALA A 64 -2.94 6.81 -1.19
C ALA A 64 -2.62 6.47 0.27
N ILE A 65 -1.50 6.98 0.78
CA ILE A 65 -1.14 6.74 2.18
C ILE A 65 -2.21 7.29 3.10
N GLN A 66 -2.79 8.44 2.76
CA GLN A 66 -3.81 9.05 3.61
C GLN A 66 -5.03 8.16 3.77
N TYR A 67 -5.40 7.42 2.71
CA TYR A 67 -6.49 6.46 2.85
C TYR A 67 -6.08 5.26 3.70
N VAL A 68 -4.81 4.87 3.65
CA VAL A 68 -4.34 3.79 4.51
C VAL A 68 -4.39 4.22 5.97
N VAL A 69 -4.05 5.48 6.26
CA VAL A 69 -4.13 5.98 7.62
C VAL A 69 -5.57 5.88 8.14
N GLU A 70 -6.54 6.25 7.31
CA GLU A 70 -7.94 6.17 7.73
C GLU A 70 -8.36 4.72 7.91
N PHE A 71 -7.85 3.82 7.07
CA PHE A 71 -8.11 2.40 7.23
C PHE A 71 -7.63 1.90 8.59
N ALA A 72 -6.42 2.30 8.98
CA ALA A 72 -5.87 1.89 10.27
C ALA A 72 -6.73 2.41 11.42
N LYS A 73 -7.18 3.66 11.33
CA LYS A 73 -7.95 4.25 12.42
C LYS A 73 -9.31 3.57 12.58
N ARG A 74 -9.88 3.03 11.50
CA ARG A 74 -11.12 2.26 11.60
C ARG A 74 -10.89 0.81 11.99
N LEU A 75 -9.64 0.35 11.96
CA LEU A 75 -9.35 -1.04 12.29
C LEU A 75 -9.55 -1.28 13.78
N SER A 76 -10.37 -2.29 14.10
CA SER A 76 -10.68 -2.60 15.48
C SER A 76 -9.40 -2.93 16.26
N GLY A 77 -9.17 -2.18 17.33
CA GLY A 77 -8.02 -2.37 18.19
C GLY A 77 -6.86 -1.44 17.92
N PHE A 78 -6.78 -0.85 16.73
CA PHE A 78 -5.63 -0.02 16.39
C PHE A 78 -5.60 1.26 17.23
N MET A 79 -6.72 1.97 17.31
CA MET A 79 -6.78 3.17 18.13
C MET A 79 -6.67 2.88 19.62
N GLU A 80 -6.76 1.61 20.02
CA GLU A 80 -6.57 1.25 21.42
C GLU A 80 -5.09 1.14 21.79
N LEU A 81 -4.21 0.96 20.81
CA LEU A 81 -2.77 0.96 21.07
C LEU A 81 -2.29 2.37 21.42
N CYS A 82 -1.13 2.44 22.06
CA CYS A 82 -0.53 3.73 22.36
C CYS A 82 -0.08 4.41 21.07
N GLN A 83 -0.04 5.74 21.10
CA GLN A 83 0.24 6.49 19.88
C GLN A 83 1.65 6.23 19.35
N ASN A 84 2.58 5.91 20.25
CA ASN A 84 3.92 5.52 19.78
C ASN A 84 3.85 4.30 18.88
N ASP A 85 3.09 3.29 19.28
CA ASP A 85 2.99 2.08 18.46
C ASP A 85 2.10 2.29 17.24
N GLN A 86 1.11 3.19 17.32
CA GLN A 86 0.35 3.54 16.13
C GLN A 86 1.25 4.14 15.06
N ILE A 87 2.16 5.02 15.47
CA ILE A 87 3.04 5.68 14.51
C ILE A 87 4.08 4.70 13.99
N VAL A 88 4.62 3.85 14.85
CA VAL A 88 5.58 2.83 14.40
C VAL A 88 4.94 1.93 13.35
N LEU A 89 3.72 1.47 13.61
CA LEU A 89 3.05 0.56 12.68
C LEU A 89 2.76 1.24 11.35
N LEU A 90 2.33 2.51 11.38
CA LEU A 90 2.04 3.21 10.13
C LEU A 90 3.31 3.56 9.37
N LYS A 91 4.36 3.99 10.07
CA LYS A 91 5.60 4.38 9.40
C LYS A 91 6.17 3.21 8.59
N ALA A 92 6.13 2.00 9.15
CA ALA A 92 6.72 0.85 8.48
C ALA A 92 5.74 0.09 7.60
N GLY A 93 4.43 0.32 7.75
CA GLY A 93 3.46 -0.50 7.07
C GLY A 93 2.60 0.21 6.02
N ALA A 94 2.52 1.54 6.11
CA ALA A 94 1.63 2.27 5.20
C ALA A 94 2.02 2.06 3.74
N MET A 95 3.31 2.26 3.42
CA MET A 95 3.77 2.04 2.06
C MET A 95 3.52 0.59 1.63
N GLU A 96 3.72 -0.37 2.55
CA GLU A 96 3.49 -1.77 2.22
C GLU A 96 2.04 -2.03 1.85
N VAL A 97 1.11 -1.37 2.54
CA VAL A 97 -0.31 -1.53 2.21
C VAL A 97 -0.62 -0.96 0.84
N VAL A 98 -0.03 0.20 0.52
CA VAL A 98 -0.26 0.82 -0.79
C VAL A 98 0.23 -0.10 -1.90
N LEU A 99 1.36 -0.76 -1.69
CA LEU A 99 1.90 -1.67 -2.70
C LEU A 99 0.95 -2.85 -2.94
N VAL A 100 0.28 -3.32 -1.90
CA VAL A 100 -0.70 -4.40 -2.07
C VAL A 100 -1.96 -3.87 -2.73
N ARG A 101 -2.45 -2.72 -2.26
CA ARG A 101 -3.64 -2.12 -2.85
C ARG A 101 -3.45 -1.80 -4.33
N MET A 102 -2.20 -1.59 -4.76
CA MET A 102 -1.93 -1.20 -6.14
C MET A 102 -2.41 -2.26 -7.14
N CYS A 103 -2.45 -3.53 -6.73
CA CYS A 103 -2.84 -4.59 -7.65
C CYS A 103 -4.28 -4.46 -8.12
N ARG A 104 -5.11 -3.69 -7.41
CA ARG A 104 -6.46 -3.43 -7.90
C ARG A 104 -6.44 -2.52 -9.12
N ALA A 105 -5.46 -1.62 -9.21
CA ALA A 105 -5.33 -0.71 -10.33
C ALA A 105 -4.42 -1.27 -11.43
N TYR A 106 -4.05 -2.54 -11.34
CA TYR A 106 -3.12 -3.16 -12.27
C TYR A 106 -3.85 -4.14 -13.17
N ASN A 107 -3.61 -4.03 -14.47
CA ASN A 107 -4.21 -4.91 -15.46
C ASN A 107 -3.13 -5.88 -15.94
N ALA A 108 -3.21 -7.13 -15.49
CA ALA A 108 -2.21 -8.12 -15.84
C ALA A 108 -2.26 -8.55 -17.29
N ASP A 109 -3.33 -8.22 -18.02
CA ASP A 109 -3.44 -8.66 -19.40
C ASP A 109 -2.48 -7.90 -20.31
N ASN A 110 -2.29 -6.61 -20.07
CA ASN A 110 -1.36 -5.79 -20.84
C ASN A 110 -0.28 -5.16 -19.96
N ARG A 111 -0.24 -5.50 -18.67
CA ARG A 111 0.79 -5.02 -17.75
C ARG A 111 0.78 -3.49 -17.64
N THR A 112 -0.42 -2.94 -17.44
CA THR A 112 -0.59 -1.50 -17.25
C THR A 112 -1.17 -1.22 -15.88
N VAL A 113 -0.98 0.02 -15.42
CA VAL A 113 -1.52 0.48 -14.16
C VAL A 113 -2.33 1.75 -14.43
N PHE A 114 -3.43 1.92 -13.71
CA PHE A 114 -4.26 3.11 -13.83
C PHE A 114 -3.54 4.28 -13.19
N PHE A 115 -3.17 5.28 -14.00
CA PHE A 115 -2.38 6.40 -13.52
C PHE A 115 -2.87 7.68 -14.17
N GLU A 116 -3.42 8.59 -13.36
CA GLU A 116 -3.88 9.91 -13.81
C GLU A 116 -4.87 9.79 -14.97
N GLY A 117 -5.90 8.97 -14.76
CA GLY A 117 -7.03 8.89 -15.65
C GLY A 117 -6.95 7.84 -16.73
N LYS A 118 -5.80 7.22 -16.96
CA LYS A 118 -5.65 6.21 -17.99
C LYS A 118 -4.69 5.13 -17.53
N TYR A 119 -4.62 4.05 -18.30
CA TYR A 119 -3.73 2.93 -18.02
C TYR A 119 -2.46 3.07 -18.84
N GLY A 120 -1.32 2.85 -18.21
CA GLY A 120 -0.04 2.92 -18.90
C GLY A 120 0.92 1.87 -18.36
N GLY A 121 1.80 1.42 -19.24
CA GLY A 121 2.84 0.48 -18.85
C GLY A 121 3.93 1.15 -18.05
N MET A 122 4.94 0.34 -17.67
CA MET A 122 6.02 0.88 -16.84
C MET A 122 6.90 1.86 -17.60
N GLU A 123 6.87 1.85 -18.93
CA GLU A 123 7.62 2.84 -19.69
C GLU A 123 7.09 4.25 -19.46
N LEU A 124 5.88 4.38 -18.90
CA LEU A 124 5.32 5.69 -18.59
C LEU A 124 6.17 6.43 -17.57
N PHE A 125 6.90 5.71 -16.73
CA PHE A 125 7.64 6.28 -15.61
C PHE A 125 9.14 6.35 -15.89
N ARG A 126 9.55 6.31 -17.16
CA ARG A 126 10.96 6.24 -17.49
C ARG A 126 11.72 7.49 -17.06
N ALA A 127 11.03 8.64 -16.98
CA ALA A 127 11.70 9.87 -16.57
C ALA A 127 12.15 9.83 -15.12
N LEU A 128 11.61 8.92 -14.31
CA LEU A 128 12.00 8.83 -12.90
C LEU A 128 13.45 8.43 -12.75
N GLY A 129 13.99 7.67 -13.69
CA GLY A 129 15.35 7.18 -13.56
C GLY A 129 15.53 6.13 -12.49
N CYS A 130 14.51 5.31 -12.24
CA CYS A 130 14.60 4.20 -11.31
C CYS A 130 13.85 3.00 -11.91
N SER A 131 14.29 2.58 -13.09
CA SER A 131 13.56 1.55 -13.83
C SER A 131 13.58 0.21 -13.12
N GLU A 132 14.64 -0.08 -12.35
CA GLU A 132 14.69 -1.34 -11.60
C GLU A 132 13.60 -1.37 -10.53
N LEU A 133 13.42 -0.27 -9.81
CA LEU A 133 12.37 -0.20 -8.80
C LEU A 133 10.99 -0.31 -9.43
N ILE A 134 10.74 0.44 -10.51
CA ILE A 134 9.46 0.39 -11.19
C ILE A 134 9.18 -1.02 -11.68
N SER A 135 10.19 -1.67 -12.26
CA SER A 135 10.01 -3.04 -12.74
C SER A 135 9.69 -3.99 -11.58
N SER A 136 10.34 -3.81 -10.44
CA SER A 136 10.07 -4.66 -9.28
C SER A 136 8.65 -4.46 -8.78
N ILE A 137 8.16 -3.22 -8.76
CA ILE A 137 6.80 -2.95 -8.29
C ILE A 137 5.78 -3.54 -9.26
N PHE A 138 6.01 -3.37 -10.56
CA PHE A 138 5.11 -3.97 -11.55
C PHE A 138 5.12 -5.48 -11.45
N ASP A 139 6.29 -6.08 -11.22
CA ASP A 139 6.37 -7.53 -11.04
C ASP A 139 5.62 -7.96 -9.78
N PHE A 140 5.68 -7.14 -8.72
CA PHE A 140 4.97 -7.49 -7.49
C PHE A 140 3.46 -7.45 -7.71
N SER A 141 2.97 -6.41 -8.38
CA SER A 141 1.55 -6.35 -8.72
C SER A 141 1.16 -7.51 -9.62
N HIS A 142 2.05 -7.93 -10.52
CA HIS A 142 1.74 -9.05 -11.39
C HIS A 142 1.58 -10.34 -10.60
N SER A 143 2.46 -10.57 -9.61
CA SER A 143 2.35 -11.78 -8.80
C SER A 143 1.08 -11.78 -7.96
N LEU A 144 0.67 -10.61 -7.47
CA LEU A 144 -0.57 -10.53 -6.71
C LEU A 144 -1.78 -10.77 -7.59
N SER A 145 -1.75 -10.26 -8.83
CA SER A 145 -2.89 -10.42 -9.73
C SER A 145 -3.15 -11.88 -10.04
N ALA A 146 -2.11 -12.72 -10.05
CA ALA A 146 -2.28 -14.14 -10.30
C ALA A 146 -3.05 -14.84 -9.20
N LEU A 147 -3.20 -14.21 -8.03
CA LEU A 147 -3.96 -14.81 -6.94
C LEU A 147 -5.46 -14.56 -7.05
N HIS A 148 -5.87 -13.58 -7.86
CA HIS A 148 -7.27 -13.23 -8.02
C HIS A 148 -7.92 -12.90 -6.68
N PHE A 149 -7.30 -11.96 -5.97
CA PHE A 149 -7.81 -11.52 -4.68
C PHE A 149 -9.24 -11.01 -4.79
N SER A 150 -10.08 -11.42 -3.86
CA SER A 150 -11.33 -10.73 -3.65
C SER A 150 -11.10 -9.50 -2.77
N GLU A 151 -12.08 -8.59 -2.77
CA GLU A 151 -11.95 -7.39 -1.95
C GLU A 151 -11.86 -7.74 -0.47
N ASP A 152 -12.63 -8.74 -0.03
CA ASP A 152 -12.54 -9.18 1.36
C ASP A 152 -11.15 -9.73 1.68
N GLU A 153 -10.56 -10.48 0.75
CA GLU A 153 -9.23 -11.05 0.98
C GLU A 153 -8.17 -9.95 1.08
N ILE A 154 -8.25 -8.94 0.21
CA ILE A 154 -7.34 -7.81 0.30
C ILE A 154 -7.50 -7.09 1.63
N ALA A 155 -8.76 -6.91 2.06
CA ALA A 155 -9.04 -6.25 3.32
C ALA A 155 -8.34 -6.94 4.48
N LEU A 156 -8.50 -8.26 4.58
CA LEU A 156 -7.94 -9.00 5.71
C LEU A 156 -6.42 -9.11 5.58
N TYR A 157 -5.91 -9.22 4.36
CA TYR A 157 -4.46 -9.35 4.18
C TYR A 157 -3.76 -8.03 4.49
N THR A 158 -4.32 -6.90 4.06
CA THR A 158 -3.68 -5.61 4.34
C THR A 158 -3.77 -5.24 5.81
N ALA A 159 -4.82 -5.69 6.50
CA ALA A 159 -4.87 -5.51 7.95
C ALA A 159 -3.68 -6.20 8.62
N LEU A 160 -3.34 -7.41 8.15
CA LEU A 160 -2.21 -8.14 8.71
C LEU A 160 -0.88 -7.51 8.32
N VAL A 161 -0.78 -6.95 7.11
CA VAL A 161 0.41 -6.20 6.73
C VAL A 161 0.62 -5.03 7.70
N LEU A 162 -0.47 -4.36 8.10
CA LEU A 162 -0.37 -3.24 9.00
C LEU A 162 -0.05 -3.70 10.42
N ILE A 163 -0.82 -4.66 10.93
CA ILE A 163 -0.71 -5.06 12.34
C ILE A 163 0.36 -6.14 12.41
N ASN A 164 1.61 -5.69 12.57
CA ASN A 164 2.79 -6.56 12.57
C ASN A 164 3.49 -6.37 13.92
N ALA A 165 3.43 -7.37 14.78
CA ALA A 165 4.03 -7.28 16.10
C ALA A 165 5.56 -7.34 16.07
N HIS A 166 6.17 -7.53 14.91
CA HIS A 166 7.62 -7.62 14.80
C HIS A 166 8.29 -6.30 14.43
N ARG A 167 7.52 -5.24 14.23
CA ARG A 167 8.10 -3.97 13.84
C ARG A 167 9.03 -3.46 14.93
N PRO A 168 10.26 -3.06 14.60
CA PRO A 168 11.14 -2.46 15.61
C PRO A 168 10.55 -1.19 16.17
N GLY A 169 10.73 -0.99 17.47
CA GLY A 169 10.28 0.21 18.15
C GLY A 169 8.96 0.09 18.87
N LEU A 170 8.30 -1.06 18.82
CA LEU A 170 7.02 -1.21 19.51
C LEU A 170 7.24 -1.27 21.01
N GLN A 171 6.45 -0.48 21.75
CA GLN A 171 6.56 -0.44 23.20
C GLN A 171 5.62 -1.42 23.89
N GLU A 172 4.45 -1.69 23.30
CA GLU A 172 3.50 -2.66 23.84
C GLU A 172 3.39 -3.82 22.86
N LYS A 173 4.47 -4.60 22.79
CA LYS A 173 4.57 -5.64 21.77
C LYS A 173 3.52 -6.73 21.97
N ARG A 174 3.27 -7.13 23.23
CA ARG A 174 2.26 -8.16 23.48
C ARG A 174 0.88 -7.72 23.06
N LYS A 175 0.57 -6.42 23.21
CA LYS A 175 -0.75 -5.92 22.81
C LYS A 175 -0.95 -6.03 21.30
N VAL A 176 0.09 -5.69 20.53
CA VAL A 176 0.01 -5.86 19.09
C VAL A 176 -0.02 -7.33 18.71
N GLU A 177 0.65 -8.18 19.48
CA GLU A 177 0.67 -9.61 19.20
C GLU A 177 -0.72 -10.21 19.29
N GLN A 178 -1.50 -9.81 20.29
CA GLN A 178 -2.85 -10.35 20.42
C GLN A 178 -3.76 -9.85 19.31
N LEU A 179 -3.58 -8.59 18.88
CA LEU A 179 -4.38 -8.07 17.78
C LEU A 179 -4.02 -8.75 16.47
N GLN A 180 -2.72 -8.96 16.22
CA GLN A 180 -2.29 -9.67 15.02
C GLN A 180 -2.83 -11.08 15.00
N TYR A 181 -2.81 -11.77 16.15
CA TYR A 181 -3.29 -13.14 16.20
C TYR A 181 -4.79 -13.23 15.89
N ASN A 182 -5.57 -12.28 16.41
CA ASN A 182 -7.00 -12.26 16.13
C ASN A 182 -7.26 -12.02 14.64
N LEU A 183 -6.46 -11.15 14.02
CA LEU A 183 -6.62 -10.90 12.60
C LEU A 183 -6.17 -12.10 11.76
N GLU A 184 -5.14 -12.81 12.21
CA GLU A 184 -4.73 -14.03 11.53
C GLU A 184 -5.84 -15.08 11.58
N LEU A 185 -6.49 -15.24 12.73
CA LEU A 185 -7.61 -16.16 12.83
C LEU A 185 -8.73 -15.76 11.89
N ALA A 186 -9.06 -14.47 11.84
CA ALA A 186 -10.11 -14.00 10.95
C ALA A 186 -9.76 -14.26 9.50
N PHE A 187 -8.53 -13.95 9.11
CA PHE A 187 -8.09 -14.18 7.73
C PHE A 187 -8.19 -15.65 7.37
N HIS A 188 -7.62 -16.53 8.20
CA HIS A 188 -7.61 -17.95 7.88
C HIS A 188 -9.00 -18.57 8.01
N HIS A 189 -9.83 -18.07 8.92
CA HIS A 189 -11.22 -18.54 8.99
C HIS A 189 -11.96 -18.20 7.71
N HIS A 190 -11.78 -16.99 7.20
CA HIS A 190 -12.47 -16.58 5.97
C HIS A 190 -11.99 -17.38 4.77
N LEU A 191 -10.69 -17.67 4.72
CA LEU A 191 -10.16 -18.51 3.63
C LEU A 191 -10.70 -19.93 3.72
N CYS A 192 -10.83 -20.45 4.94
CA CYS A 192 -11.39 -21.78 5.12
C CYS A 192 -12.86 -21.81 4.71
N LYS A 193 -13.63 -20.81 5.14
CA LYS A 193 -15.05 -20.75 4.78
C LYS A 193 -15.24 -20.67 3.28
N THR A 194 -14.36 -19.95 2.58
CA THR A 194 -14.49 -19.71 1.15
C THR A 194 -13.66 -20.67 0.31
N HIS A 195 -13.06 -21.69 0.92
CA HIS A 195 -12.26 -22.69 0.20
C HIS A 195 -11.13 -22.04 -0.59
N ARG A 196 -10.46 -21.08 0.04
CA ARG A 196 -9.39 -20.32 -0.62
C ARG A 196 -8.07 -20.48 0.11
N GLN A 197 -7.92 -21.50 0.94
CA GLN A 197 -6.70 -21.68 1.72
C GLN A 197 -5.49 -21.98 0.84
N SER A 198 -5.71 -22.36 -0.42
CA SER A 198 -4.59 -22.64 -1.31
C SER A 198 -3.74 -21.40 -1.59
N ILE A 199 -4.29 -20.20 -1.42
CA ILE A 199 -3.52 -18.99 -1.67
C ILE A 199 -2.48 -18.71 -0.60
N LEU A 200 -2.57 -19.36 0.56
CA LEU A 200 -1.64 -19.10 1.65
C LEU A 200 -0.20 -19.36 1.22
N ALA A 201 0.04 -20.47 0.52
CA ALA A 201 1.38 -20.80 0.06
C ALA A 201 1.86 -19.90 -1.07
N LYS A 202 0.97 -19.13 -1.70
CA LYS A 202 1.31 -18.30 -2.84
C LYS A 202 1.42 -16.83 -2.50
N LEU A 203 1.19 -16.46 -1.24
CA LEU A 203 1.36 -15.08 -0.82
C LEU A 203 2.86 -14.72 -0.87
N PRO A 204 3.18 -13.45 -1.10
CA PRO A 204 4.58 -13.06 -1.19
C PRO A 204 5.29 -13.30 0.13
N PRO A 205 6.58 -13.65 0.09
CA PRO A 205 7.32 -13.85 1.35
C PRO A 205 7.40 -12.57 2.15
N LYS A 206 7.83 -12.73 3.41
CA LYS A 206 7.80 -11.61 4.35
C LYS A 206 8.71 -10.48 3.89
N GLY A 207 9.96 -10.81 3.57
CA GLY A 207 10.93 -9.79 3.19
C GLY A 207 10.66 -9.11 1.86
N LYS A 208 9.69 -9.61 1.09
CA LYS A 208 9.44 -9.03 -0.23
C LYS A 208 8.91 -7.61 -0.11
N LEU A 209 7.92 -7.39 0.75
CA LEU A 209 7.36 -6.05 0.92
C LEU A 209 8.38 -5.10 1.53
N ARG A 210 9.15 -5.57 2.52
CA ARG A 210 10.17 -4.71 3.12
C ARG A 210 11.31 -4.44 2.16
N SER A 211 11.58 -5.36 1.22
CA SER A 211 12.60 -5.12 0.21
C SER A 211 12.16 -4.03 -0.76
N LEU A 212 10.89 -4.02 -1.14
CA LEU A 212 10.39 -2.99 -2.06
C LEU A 212 10.43 -1.61 -1.42
N CYS A 213 10.03 -1.52 -0.15
CA CYS A 213 10.06 -0.23 0.54
C CYS A 213 11.48 0.27 0.72
N SER A 214 12.42 -0.65 0.98
CA SER A 214 13.82 -0.25 1.09
C SER A 214 14.35 0.27 -0.24
N GLN A 215 13.99 -0.38 -1.34
CA GLN A 215 14.34 0.14 -2.65
C GLN A 215 13.78 1.54 -2.86
N HIS A 216 12.54 1.76 -2.44
CA HIS A 216 11.90 3.06 -2.63
C HIS A 216 12.65 4.15 -1.88
N VAL A 217 12.95 3.92 -0.59
CA VAL A 217 13.71 4.89 0.18
C VAL A 217 15.09 5.09 -0.44
N GLU A 218 15.69 4.01 -0.94
CA GLU A 218 17.03 4.11 -1.53
C GLU A 218 17.02 5.00 -2.75
N ARG A 219 16.06 4.81 -3.66
CA ARG A 219 15.99 5.64 -4.86
C ARG A 219 15.65 7.07 -4.50
N LEU A 220 14.81 7.28 -3.47
CA LEU A 220 14.44 8.64 -3.08
C LEU A 220 15.67 9.43 -2.62
N GLN A 221 16.53 8.80 -1.82
CA GLN A 221 17.72 9.49 -1.35
C GLN A 221 18.67 9.84 -2.49
N ILE A 222 18.69 9.01 -3.53
CA ILE A 222 19.48 9.35 -4.72
C ILE A 222 18.91 10.59 -5.40
N PHE A 223 17.59 10.66 -5.55
CA PHE A 223 16.97 11.83 -6.16
C PHE A 223 17.09 13.06 -5.26
N GLN A 224 16.85 12.88 -3.97
CA GLN A 224 16.95 14.01 -3.05
C GLN A 224 18.35 14.58 -3.02
N HIS A 225 19.37 13.73 -3.17
CA HIS A 225 20.74 14.24 -3.23
C HIS A 225 20.99 15.06 -4.48
N LEU A 226 20.25 14.78 -5.56
CA LEU A 226 20.39 15.55 -6.80
C LEU A 226 19.53 16.81 -6.81
N HIS A 227 18.39 16.81 -6.11
CA HIS A 227 17.48 17.95 -6.08
C HIS A 227 16.97 18.16 -4.66
N PRO A 228 17.83 18.62 -3.75
CA PRO A 228 17.38 18.78 -2.36
C PRO A 228 16.33 19.88 -2.18
N ILE A 229 16.43 20.97 -2.93
CA ILE A 229 15.47 22.05 -2.78
C ILE A 229 14.11 21.62 -3.32
N VAL A 230 14.09 20.82 -4.38
CA VAL A 230 12.83 20.32 -4.92
C VAL A 230 12.06 19.54 -3.85
N VAL A 231 12.76 18.67 -3.13
CA VAL A 231 12.12 17.88 -2.08
C VAL A 231 11.62 18.79 -0.97
N GLN A 232 12.46 19.74 -0.54
CA GLN A 232 12.07 20.63 0.55
C GLN A 232 10.89 21.50 0.16
N ALA A 233 10.86 21.96 -1.09
CA ALA A 233 9.88 22.96 -1.49
C ALA A 233 8.62 22.37 -2.13
N ALA A 234 8.71 21.20 -2.76
CA ALA A 234 7.61 20.72 -3.58
C ALA A 234 7.13 19.31 -3.22
N PHE A 235 7.76 18.63 -2.22
CA PHE A 235 7.24 17.32 -1.86
C PHE A 235 6.24 17.43 -0.72
N PRO A 236 5.24 16.56 -0.68
CA PRO A 236 4.23 16.63 0.40
C PRO A 236 4.87 16.39 1.76
N PRO A 237 4.43 17.11 2.80
CA PRO A 237 5.03 16.91 4.13
C PRO A 237 4.89 15.50 4.67
N LEU A 238 3.74 14.86 4.46
CA LEU A 238 3.57 13.49 4.95
C LEU A 238 4.55 12.54 4.27
N TYR A 239 4.82 12.78 2.98
CA TYR A 239 5.76 11.93 2.25
C TYR A 239 7.16 12.01 2.86
N LYS A 240 7.63 13.23 3.11
CA LYS A 240 8.96 13.39 3.70
C LYS A 240 9.02 12.87 5.12
N GLU A 241 7.90 12.91 5.84
CA GLU A 241 7.88 12.39 7.20
C GLU A 241 8.06 10.87 7.22
N LEU A 242 7.50 10.18 6.22
CA LEU A 242 7.55 8.73 6.20
C LEU A 242 8.83 8.20 5.56
N PHE A 243 9.38 8.90 4.57
CA PHE A 243 10.40 8.32 3.71
C PHE A 243 11.75 9.03 3.72
N SER A 244 11.82 10.30 4.14
CA SER A 244 13.08 11.01 4.22
C SER A 244 13.39 11.51 5.62
N THR A 245 12.77 10.90 6.64
CA THR A 245 13.08 11.13 8.06
C THR A 245 13.11 12.62 8.39
N GLU A 246 11.92 13.21 8.41
CA GLU A 246 11.80 14.62 8.75
C GLU A 246 10.70 14.86 9.79
N LYS B 1 4.17 17.14 13.88
CA LYS B 1 4.36 16.38 12.64
C LYS B 1 3.02 15.83 12.15
N ILE B 2 2.97 15.41 10.89
CA ILE B 2 1.69 15.20 10.21
C ILE B 2 0.97 13.97 10.78
N LEU B 3 1.68 12.86 10.96
CA LEU B 3 1.04 11.62 11.38
C LEU B 3 0.35 11.79 12.73
N HIS B 4 0.96 12.55 13.64
CA HIS B 4 0.34 12.81 14.93
C HIS B 4 -0.99 13.54 14.75
N ARG B 5 -1.04 14.52 13.85
CA ARG B 5 -2.27 15.29 13.65
C ARG B 5 -3.36 14.45 12.99
N LEU B 6 -2.97 13.60 12.04
CA LEU B 6 -3.95 12.74 11.37
C LEU B 6 -4.56 11.73 12.32
N LEU B 7 -3.82 11.30 13.34
CA LEU B 7 -4.33 10.32 14.29
C LEU B 7 -5.20 10.94 15.38
N GLN B 8 -5.14 12.26 15.55
CA GLN B 8 -5.95 12.92 16.56
C GLN B 8 -7.39 13.10 16.09
#